data_9L4E
#
_entry.id   9L4E
#
loop_
_entity.id
_entity.type
_entity.pdbx_description
1 polymer "DNA (5'-D(*TP*GP*AP*GP*GP*GP*TP*GP*GP*GP*TP*AP*GP*GP*GP*TP*GP*GP*GP*TP*AP*A)-3')"
2 non-polymer (2~{Z})-2-[(1,2-dimethylquinolin-1-ium-4-yl)methylidene]-3-(3-pyrrolidin-1-ium-1-ylpropyl)-1,3-benzothiazole
#
_entity_poly.entity_id   1
_entity_poly.type   'polydeoxyribonucleotide'
_entity_poly.pdbx_seq_one_letter_code
;(DT)(DG)(DA)(DG)(DG)(DG)(DT)(DG)(DG)(DG)(DT)(DA)(DG)(DG)(DG)(DT)(DG)(DG)(DG)(DT)
(DA)(DA)
;
_entity_poly.pdbx_strand_id   A
#